data_2GU1
#
_entry.id   2GU1
#
_cell.length_a   49.382
_cell.length_b   85.396
_cell.length_c   53.404
_cell.angle_alpha   90.00
_cell.angle_beta   112.96
_cell.angle_gamma   90.00
#
_symmetry.space_group_name_H-M   'P 1 21 1'
#
loop_
_entity.id
_entity.type
_entity.pdbx_description
1 polymer 'Zinc peptidase'
2 non-polymer 'ZINC ION'
3 non-polymer 'SODIUM ION'
4 water water
#
_entity_poly.entity_id   1
_entity_poly.type   'polypeptide(L)'
_entity_poly.pdbx_seq_one_letter_code
;MSLQPKRIHYMVKVGDTLSGIFAQLGVPYSILQKILSVDLDHLQLDMIQPGEELELMMDDMGQLSRLIYHMSIVEKAIYT
RENDGSFSYDFQEISGEWREILFSGEINGSFSVSARRVGLTSSQVANITQVMKDKIDFSRSLRAGDRFDILVKQQYLGEH
NTGNSEIKAISFKLAKGDVSAFLAEDGRFYDRAGNSLERAFNRYPVDKAYRQITSGFNPKRKHPVTGRVVPHNGTDFATP
IGAPVYSTGDGKVIVVRKHPYAGNYLVIEHNSVYKTRYLHLDKILVKKGQLVKRGQKIALAGATGRLTGPHLHFEVLVRN
RPVDAMKADLPIAKSLSSNQKTSFLARVSEFDHEGHHHHHH
;
_entity_poly.pdbx_strand_id   A
#
# COMPACT_ATOMS: atom_id res chain seq x y z
N ARG A 7 -19.84 10.40 -20.96
CA ARG A 7 -18.92 9.44 -20.27
C ARG A 7 -17.62 9.24 -21.04
N ILE A 8 -16.50 9.36 -20.33
CA ILE A 8 -15.17 9.19 -20.92
C ILE A 8 -14.43 8.01 -20.29
N HIS A 9 -13.97 7.10 -21.13
CA HIS A 9 -13.22 5.94 -20.66
C HIS A 9 -11.76 6.17 -20.98
N TYR A 10 -10.92 6.22 -19.95
CA TYR A 10 -9.49 6.45 -20.14
C TYR A 10 -8.66 5.33 -19.52
N MET A 11 -7.85 4.67 -20.34
CA MET A 11 -6.99 3.61 -19.80
C MET A 11 -5.62 4.22 -19.50
N VAL A 12 -5.18 4.07 -18.26
CA VAL A 12 -3.89 4.62 -17.85
C VAL A 12 -2.74 3.99 -18.61
N LYS A 13 -1.81 4.84 -19.03
CA LYS A 13 -0.65 4.41 -19.81
C LYS A 13 0.61 4.81 -19.06
N VAL A 14 1.73 4.20 -19.44
CA VAL A 14 3.01 4.51 -18.83
C VAL A 14 3.26 6.02 -18.81
N GLY A 15 3.63 6.54 -17.65
CA GLY A 15 3.89 7.97 -17.53
C GLY A 15 2.76 8.87 -17.06
N ASP A 16 1.53 8.38 -17.10
CA ASP A 16 0.37 9.18 -16.68
C ASP A 16 0.28 9.42 -15.17
N THR A 17 -0.24 10.59 -14.81
CA THR A 17 -0.48 10.95 -13.41
C THR A 17 -1.90 11.50 -13.50
N LEU A 18 -2.62 11.53 -12.38
CA LEU A 18 -3.98 12.04 -12.38
C LEU A 18 -3.98 13.46 -12.94
N SER A 19 -3.00 14.27 -12.57
CA SER A 19 -2.96 15.64 -13.05
C SER A 19 -2.72 15.71 -14.57
N GLY A 20 -1.93 14.79 -15.10
CA GLY A 20 -1.66 14.78 -16.53
C GLY A 20 -2.88 14.35 -17.31
N ILE A 21 -3.61 13.37 -16.77
CA ILE A 21 -4.82 12.87 -17.42
C ILE A 21 -5.88 13.96 -17.45
N PHE A 22 -6.04 14.68 -16.33
CA PHE A 22 -7.03 15.75 -16.30
C PHE A 22 -6.69 16.83 -17.30
N ALA A 23 -5.39 17.10 -17.44
CA ALA A 23 -4.95 18.11 -18.38
C ALA A 23 -5.33 17.69 -19.81
N GLN A 24 -5.02 16.46 -20.18
CA GLN A 24 -5.35 16.02 -21.53
C GLN A 24 -6.85 15.85 -21.79
N LEU A 25 -7.63 15.60 -20.74
CA LEU A 25 -9.07 15.43 -20.91
C LEU A 25 -9.84 16.74 -20.75
N GLY A 26 -9.11 17.84 -20.60
CA GLY A 26 -9.76 19.13 -20.48
C GLY A 26 -10.41 19.53 -19.16
N VAL A 27 -10.15 18.78 -18.10
CA VAL A 27 -10.75 19.12 -16.80
C VAL A 27 -10.03 20.34 -16.21
N PRO A 28 -10.79 21.30 -15.66
CA PRO A 28 -10.20 22.52 -15.08
C PRO A 28 -9.32 22.25 -13.85
N TYR A 29 -8.35 23.13 -13.64
CA TYR A 29 -7.44 23.02 -12.51
C TYR A 29 -8.21 22.98 -11.19
N SER A 30 -9.16 23.90 -11.04
CA SER A 30 -9.96 23.98 -9.83
C SER A 30 -10.63 22.66 -9.47
N ILE A 31 -11.02 21.91 -10.49
CA ILE A 31 -11.66 20.62 -10.29
C ILE A 31 -10.62 19.57 -9.91
N LEU A 32 -9.44 19.68 -10.51
CA LEU A 32 -8.37 18.77 -10.16
C LEU A 32 -8.12 18.91 -8.65
N GLN A 33 -8.06 20.15 -8.17
CA GLN A 33 -7.83 20.42 -6.75
C GLN A 33 -8.90 19.85 -5.82
N LYS A 34 -10.14 19.80 -6.27
CA LYS A 34 -11.20 19.25 -5.43
C LYS A 34 -11.04 17.73 -5.30
N ILE A 35 -10.55 17.10 -6.36
CA ILE A 35 -10.33 15.66 -6.36
C ILE A 35 -9.13 15.34 -5.45
N LEU A 36 -8.07 16.12 -5.59
CA LEU A 36 -6.87 15.93 -4.78
C LEU A 36 -7.21 16.15 -3.31
N SER A 37 -8.07 17.12 -3.05
CA SER A 37 -8.50 17.46 -1.70
C SER A 37 -9.21 16.31 -0.98
N VAL A 38 -10.16 15.68 -1.65
CA VAL A 38 -10.86 14.58 -1.01
C VAL A 38 -9.94 13.35 -0.95
N ASP A 39 -8.98 13.25 -1.87
CA ASP A 39 -8.07 12.10 -1.86
C ASP A 39 -6.98 12.16 -0.79
N LEU A 40 -6.92 13.26 -0.05
CA LEU A 40 -5.94 13.40 1.03
C LEU A 40 -6.09 12.23 2.01
N ASP A 41 -7.32 11.87 2.31
CA ASP A 41 -7.60 10.80 3.25
C ASP A 41 -7.56 9.38 2.71
N HIS A 42 -7.21 9.22 1.44
CA HIS A 42 -7.18 7.90 0.84
C HIS A 42 -5.92 7.66 0.02
N LEU A 43 -5.46 8.70 -0.65
CA LEU A 43 -4.27 8.69 -1.50
C LEU A 43 -4.27 7.50 -2.47
N GLN A 44 -5.40 7.31 -3.13
CA GLN A 44 -5.56 6.23 -4.11
C GLN A 44 -5.06 6.66 -5.49
N LEU A 45 -5.37 7.90 -5.86
CA LEU A 45 -5.00 8.41 -7.17
C LEU A 45 -3.51 8.60 -7.45
N ASP A 46 -2.70 8.69 -6.40
CA ASP A 46 -1.26 8.85 -6.60
C ASP A 46 -0.61 7.54 -7.09
N MET A 47 -1.29 6.43 -6.86
CA MET A 47 -0.74 5.14 -7.25
C MET A 47 -1.33 4.56 -8.54
N ILE A 48 -1.88 5.40 -9.41
CA ILE A 48 -2.45 4.90 -10.66
C ILE A 48 -1.37 4.21 -11.48
N GLN A 49 -1.71 3.04 -12.02
CA GLN A 49 -0.78 2.25 -12.80
C GLN A 49 -1.31 2.00 -14.21
N PRO A 50 -0.39 1.83 -15.18
CA PRO A 50 -0.77 1.58 -16.57
C PRO A 50 -1.69 0.37 -16.61
N GLY A 51 -2.78 0.45 -17.37
CA GLY A 51 -3.69 -0.67 -17.44
C GLY A 51 -4.96 -0.46 -16.63
N GLU A 52 -4.88 0.37 -15.59
CA GLU A 52 -6.07 0.64 -14.78
C GLU A 52 -6.90 1.60 -15.61
N GLU A 53 -8.14 1.83 -15.21
CA GLU A 53 -9.00 2.71 -15.97
C GLU A 53 -9.68 3.77 -15.14
N LEU A 54 -9.82 4.95 -15.74
CA LEU A 54 -10.51 6.06 -15.10
C LEU A 54 -11.76 6.29 -15.94
N GLU A 55 -12.89 6.51 -15.28
CA GLU A 55 -14.13 6.74 -15.98
C GLU A 55 -14.61 8.12 -15.54
N LEU A 56 -14.73 9.05 -16.48
CA LEU A 56 -15.19 10.41 -16.15
C LEU A 56 -16.63 10.59 -16.62
N MET A 57 -17.50 11.05 -15.72
CA MET A 57 -18.90 11.29 -16.06
C MET A 57 -19.10 12.81 -16.12
N MET A 58 -19.43 13.31 -17.30
CA MET A 58 -19.66 14.75 -17.50
C MET A 58 -21.15 15.07 -17.55
N ASP A 59 -21.53 16.23 -17.04
CA ASP A 59 -22.94 16.64 -17.05
C ASP A 59 -23.31 17.40 -18.33
N ASP A 60 -24.51 17.98 -18.33
CA ASP A 60 -25.00 18.73 -19.48
C ASP A 60 -24.10 19.92 -19.80
N MET A 61 -23.42 20.43 -18.78
CA MET A 61 -22.51 21.57 -18.94
C MET A 61 -21.13 21.07 -19.36
N GLY A 62 -21.00 19.76 -19.51
CA GLY A 62 -19.71 19.19 -19.90
C GLY A 62 -18.70 19.22 -18.77
N GLN A 63 -19.17 19.43 -17.56
CA GLN A 63 -18.28 19.48 -16.39
C GLN A 63 -18.31 18.17 -15.63
N LEU A 64 -17.17 17.79 -15.09
CA LEU A 64 -17.03 16.53 -14.34
C LEU A 64 -18.02 16.45 -13.18
N SER A 65 -18.84 15.41 -13.17
CA SER A 65 -19.80 15.21 -12.10
C SER A 65 -19.41 14.00 -11.25
N ARG A 66 -18.65 13.08 -11.84
CA ARG A 66 -18.21 11.90 -11.13
C ARG A 66 -17.03 11.22 -11.81
N LEU A 67 -16.07 10.79 -10.99
CA LEU A 67 -14.88 10.08 -11.45
C LEU A 67 -14.84 8.70 -10.80
N ILE A 68 -14.63 7.67 -11.60
CA ILE A 68 -14.54 6.31 -11.07
C ILE A 68 -13.15 5.79 -11.41
N TYR A 69 -12.39 5.44 -10.39
CA TYR A 69 -11.05 4.91 -10.57
C TYR A 69 -11.13 3.39 -10.39
N HIS A 70 -11.10 2.68 -11.51
CA HIS A 70 -11.15 1.22 -11.53
C HIS A 70 -9.75 0.66 -11.26
N MET A 71 -9.45 0.38 -10.00
CA MET A 71 -8.15 -0.17 -9.63
C MET A 71 -8.02 -1.61 -10.15
N SER A 72 -9.15 -2.30 -10.19
CA SER A 72 -9.21 -3.68 -10.71
C SER A 72 -10.66 -3.93 -11.04
N ILE A 73 -10.95 -5.09 -11.61
CA ILE A 73 -12.33 -5.42 -11.96
C ILE A 73 -13.19 -5.71 -10.71
N VAL A 74 -12.56 -5.75 -9.54
CA VAL A 74 -13.29 -6.01 -8.31
C VAL A 74 -13.14 -4.88 -7.28
N GLU A 75 -12.48 -3.79 -7.67
CA GLU A 75 -12.25 -2.67 -6.76
C GLU A 75 -12.25 -1.33 -7.48
N LYS A 76 -12.99 -0.36 -6.94
CA LYS A 76 -13.06 0.96 -7.54
C LYS A 76 -13.32 2.06 -6.50
N ALA A 77 -12.70 3.22 -6.72
CA ALA A 77 -12.85 4.38 -5.87
C ALA A 77 -13.77 5.32 -6.64
N ILE A 78 -14.85 5.77 -5.99
CA ILE A 78 -15.82 6.64 -6.65
C ILE A 78 -15.80 8.06 -6.06
N TYR A 79 -15.52 9.03 -6.91
CA TYR A 79 -15.45 10.44 -6.50
C TYR A 79 -16.67 11.16 -7.08
N THR A 80 -17.60 11.54 -6.20
CA THR A 80 -18.83 12.21 -6.62
C THR A 80 -18.92 13.68 -6.27
N ARG A 81 -19.32 14.50 -7.23
CA ARG A 81 -19.48 15.94 -7.00
C ARG A 81 -20.75 16.22 -6.19
N GLU A 82 -20.62 17.07 -5.18
CA GLU A 82 -21.74 17.43 -4.32
C GLU A 82 -22.31 18.78 -4.72
N ASN A 83 -23.53 19.08 -4.27
CA ASN A 83 -24.15 20.36 -4.62
C ASN A 83 -23.30 21.55 -4.19
N ASP A 84 -22.52 21.38 -3.12
CA ASP A 84 -21.70 22.47 -2.64
C ASP A 84 -20.41 22.63 -3.44
N GLY A 85 -20.24 21.82 -4.48
CA GLY A 85 -19.05 21.91 -5.31
C GLY A 85 -17.92 20.97 -4.93
N SER A 86 -17.96 20.46 -3.70
CA SER A 86 -16.92 19.54 -3.24
C SER A 86 -17.21 18.15 -3.78
N PHE A 87 -16.25 17.25 -3.63
CA PHE A 87 -16.39 15.88 -4.08
C PHE A 87 -16.37 14.95 -2.88
N SER A 88 -17.24 13.96 -2.88
CA SER A 88 -17.30 12.97 -1.81
C SER A 88 -16.73 11.65 -2.33
N TYR A 89 -16.20 10.85 -1.40
CA TYR A 89 -15.56 9.57 -1.72
C TYR A 89 -16.31 8.33 -1.25
N ASP A 90 -16.33 7.30 -2.09
CA ASP A 90 -16.96 6.02 -1.77
C ASP A 90 -16.12 4.91 -2.41
N PHE A 91 -15.79 3.89 -1.62
CA PHE A 91 -15.00 2.76 -2.12
C PHE A 91 -15.87 1.51 -2.19
N GLN A 92 -15.86 0.85 -3.34
CA GLN A 92 -16.66 -0.35 -3.51
C GLN A 92 -15.80 -1.54 -3.91
N GLU A 93 -15.99 -2.65 -3.19
CA GLU A 93 -15.23 -3.85 -3.45
C GLU A 93 -16.12 -5.07 -3.63
N ILE A 94 -15.88 -5.84 -4.67
CA ILE A 94 -16.63 -7.05 -4.95
C ILE A 94 -15.76 -8.25 -4.60
N SER A 95 -16.31 -9.19 -3.84
CA SER A 95 -15.55 -10.37 -3.46
C SER A 95 -15.86 -11.50 -4.44
N GLY A 96 -15.01 -11.64 -5.47
CA GLY A 96 -15.21 -12.70 -6.43
C GLY A 96 -14.86 -14.02 -5.79
N GLU A 97 -14.05 -14.85 -6.45
CA GLU A 97 -13.67 -16.13 -5.85
C GLU A 97 -12.16 -16.27 -5.87
N TRP A 98 -11.62 -16.96 -4.87
CA TRP A 98 -10.18 -17.18 -4.79
C TRP A 98 -9.87 -18.63 -5.12
N ARG A 99 -8.86 -18.84 -5.95
CA ARG A 99 -8.46 -20.18 -6.32
C ARG A 99 -7.02 -20.42 -5.89
N GLU A 100 -6.71 -21.67 -5.55
CA GLU A 100 -5.36 -21.98 -5.13
C GLU A 100 -4.55 -22.52 -6.29
N ILE A 101 -3.31 -22.09 -6.37
CA ILE A 101 -2.43 -22.54 -7.44
C ILE A 101 -1.07 -22.88 -6.82
N LEU A 102 -0.54 -24.00 -7.25
CA LEU A 102 0.74 -24.49 -6.74
C LEU A 102 1.85 -24.31 -7.78
N PHE A 103 2.85 -23.52 -7.44
CA PHE A 103 3.97 -23.32 -8.34
C PHE A 103 5.12 -24.17 -7.84
N SER A 104 5.39 -25.26 -8.54
CA SER A 104 6.44 -26.19 -8.15
C SER A 104 7.51 -26.33 -9.23
N GLY A 105 8.75 -26.49 -8.80
CA GLY A 105 9.85 -26.62 -9.74
C GLY A 105 11.04 -27.31 -9.10
N GLU A 106 12.09 -27.52 -9.89
CA GLU A 106 13.29 -28.18 -9.40
C GLU A 106 14.46 -27.25 -9.66
N ILE A 107 15.51 -27.36 -8.87
CA ILE A 107 16.69 -26.51 -9.08
C ILE A 107 17.59 -27.18 -10.12
N ASN A 108 17.70 -26.54 -11.29
CA ASN A 108 18.55 -26.99 -12.40
C ASN A 108 19.02 -25.70 -13.04
N GLY A 109 18.27 -24.65 -12.72
CA GLY A 109 18.61 -23.31 -13.13
C GLY A 109 18.77 -22.90 -11.68
N SER A 110 18.77 -21.63 -11.34
CA SER A 110 18.87 -21.27 -9.95
C SER A 110 17.41 -21.14 -9.49
N PHE A 111 17.17 -21.00 -8.19
CA PHE A 111 15.79 -20.87 -7.73
C PHE A 111 15.04 -19.78 -8.51
N SER A 112 15.64 -18.60 -8.60
CA SER A 112 14.99 -17.48 -9.30
C SER A 112 14.59 -17.81 -10.73
N VAL A 113 15.50 -18.39 -11.49
CA VAL A 113 15.24 -18.75 -12.88
C VAL A 113 14.14 -19.80 -12.98
N SER A 114 14.28 -20.86 -12.19
CA SER A 114 13.31 -21.95 -12.18
C SER A 114 11.94 -21.47 -11.71
N ALA A 115 11.92 -20.53 -10.78
CA ALA A 115 10.67 -19.98 -10.25
C ALA A 115 9.96 -19.16 -11.31
N ARG A 116 10.73 -18.36 -12.04
CA ARG A 116 10.16 -17.54 -13.11
C ARG A 116 9.65 -18.42 -14.24
N ARG A 117 10.40 -19.46 -14.57
CA ARG A 117 9.99 -20.38 -15.65
C ARG A 117 8.69 -21.11 -15.36
N VAL A 118 8.39 -21.34 -14.08
CA VAL A 118 7.17 -22.05 -13.72
C VAL A 118 5.96 -21.12 -13.51
N GLY A 119 6.15 -19.81 -13.69
CA GLY A 119 5.01 -18.92 -13.55
C GLY A 119 5.06 -17.81 -12.52
N LEU A 120 5.96 -17.92 -11.54
CA LEU A 120 6.07 -16.88 -10.52
C LEU A 120 6.64 -15.59 -11.11
N THR A 121 6.19 -14.44 -10.60
CA THR A 121 6.67 -13.15 -11.09
C THR A 121 7.93 -12.74 -10.32
N SER A 122 8.54 -11.64 -10.77
CA SER A 122 9.74 -11.12 -10.13
C SER A 122 9.43 -10.73 -8.69
N SER A 123 8.30 -10.04 -8.50
CA SER A 123 7.90 -9.60 -7.16
C SER A 123 7.63 -10.79 -6.24
N GLN A 124 7.04 -11.85 -6.78
CA GLN A 124 6.78 -13.04 -5.99
C GLN A 124 8.09 -13.69 -5.59
N VAL A 125 9.05 -13.72 -6.52
CA VAL A 125 10.36 -14.30 -6.24
C VAL A 125 11.06 -13.47 -5.17
N ALA A 126 10.94 -12.15 -5.27
CA ALA A 126 11.54 -11.25 -4.31
C ALA A 126 10.92 -11.49 -2.93
N ASN A 127 9.60 -11.58 -2.88
CA ASN A 127 8.89 -11.81 -1.62
C ASN A 127 9.40 -13.12 -1.00
N ILE A 128 9.52 -14.15 -1.83
CA ILE A 128 9.99 -15.46 -1.37
C ILE A 128 11.41 -15.40 -0.81
N THR A 129 12.34 -14.83 -1.58
CA THR A 129 13.72 -14.75 -1.11
C THR A 129 13.83 -13.90 0.15
N GLN A 130 12.98 -12.88 0.25
CA GLN A 130 12.95 -12.00 1.42
C GLN A 130 12.54 -12.78 2.66
N VAL A 131 11.40 -13.46 2.57
CA VAL A 131 10.89 -14.24 3.68
C VAL A 131 11.83 -15.35 4.15
N MET A 132 12.42 -16.07 3.20
CA MET A 132 13.31 -17.19 3.53
C MET A 132 14.80 -16.87 3.70
N LYS A 133 15.18 -15.60 3.61
CA LYS A 133 16.60 -15.24 3.70
C LYS A 133 17.41 -15.80 4.87
N ASP A 134 16.81 -15.89 6.05
CA ASP A 134 17.54 -16.42 7.21
C ASP A 134 17.52 -17.94 7.29
N LYS A 135 16.52 -18.56 6.69
CA LYS A 135 16.43 -20.01 6.71
C LYS A 135 17.13 -20.64 5.51
N ILE A 136 17.34 -19.86 4.46
CA ILE A 136 18.00 -20.36 3.25
C ILE A 136 19.03 -19.41 2.66
N ASP A 137 20.19 -19.95 2.33
CA ASP A 137 21.27 -19.19 1.72
C ASP A 137 21.12 -19.49 0.22
N PHE A 138 20.47 -18.58 -0.50
CA PHE A 138 20.24 -18.78 -1.93
C PHE A 138 21.50 -18.74 -2.77
N SER A 139 22.64 -18.96 -2.11
CA SER A 139 23.93 -18.95 -2.79
C SER A 139 24.63 -20.30 -2.59
N ARG A 140 24.43 -20.89 -1.42
CA ARG A 140 25.07 -22.16 -1.09
C ARG A 140 24.18 -23.39 -1.21
N SER A 141 22.91 -23.26 -0.83
CA SER A 141 21.96 -24.37 -0.88
C SER A 141 21.44 -24.59 -2.29
N LEU A 142 22.25 -25.30 -3.07
CA LEU A 142 21.92 -25.58 -4.43
C LEU A 142 21.96 -27.06 -4.72
N ARG A 143 20.89 -27.40 -5.37
CA ARG A 143 20.35 -28.70 -5.78
C ARG A 143 20.82 -29.92 -6.59
N ALA A 144 19.71 -30.41 -7.13
CA ALA A 144 19.59 -31.67 -7.81
C ALA A 144 18.11 -31.70 -8.27
N ASP A 146 17.37 -30.30 -5.60
CA ASP A 146 16.41 -29.74 -4.64
C ASP A 146 15.22 -29.14 -5.39
N ARG A 147 14.06 -29.14 -4.75
CA ARG A 147 12.85 -28.59 -5.35
C ARG A 147 12.08 -27.70 -4.38
N PHE A 148 11.08 -26.99 -4.90
CA PHE A 148 10.26 -26.07 -4.13
C PHE A 148 8.78 -26.15 -4.54
N ASP A 149 7.89 -25.73 -3.62
CA ASP A 149 6.46 -25.72 -3.87
C ASP A 149 5.92 -24.45 -3.22
N ILE A 150 5.26 -23.61 -4.02
CA ILE A 150 4.71 -22.36 -3.52
C ILE A 150 3.19 -22.36 -3.67
N LEU A 151 2.47 -22.20 -2.57
CA LEU A 151 1.00 -22.16 -2.65
C LEU A 151 0.55 -20.71 -2.72
N VAL A 152 -0.13 -20.35 -3.81
CA VAL A 152 -0.63 -19.00 -4.00
C VAL A 152 -2.15 -18.99 -4.14
N LYS A 153 -2.77 -17.93 -3.67
CA LYS A 153 -4.21 -17.74 -3.77
C LYS A 153 -4.38 -16.66 -4.82
N GLN A 154 -5.20 -16.95 -5.83
CA GLN A 154 -5.45 -15.98 -6.90
C GLN A 154 -6.91 -15.60 -6.92
N GLN A 155 -7.20 -14.30 -6.95
CA GLN A 155 -8.58 -13.86 -6.96
C GLN A 155 -9.08 -13.74 -8.39
N TYR A 156 -10.28 -14.26 -8.61
CA TYR A 156 -10.92 -14.24 -9.92
C TYR A 156 -12.30 -13.59 -9.78
N LEU A 157 -12.84 -13.15 -10.90
CA LEU A 157 -14.18 -12.58 -10.96
C LEU A 157 -14.76 -13.38 -12.09
N GLY A 158 -15.66 -14.30 -11.76
CA GLY A 158 -16.22 -15.14 -12.80
C GLY A 158 -15.04 -15.90 -13.38
N GLU A 159 -14.80 -15.74 -14.68
CA GLU A 159 -13.72 -16.44 -15.36
C GLU A 159 -12.51 -15.55 -15.59
N HIS A 160 -12.57 -14.33 -15.07
CA HIS A 160 -11.48 -13.37 -15.24
C HIS A 160 -10.58 -13.24 -14.03
N ASN A 161 -9.28 -13.28 -14.29
CA ASN A 161 -8.27 -13.15 -13.25
C ASN A 161 -8.20 -11.65 -12.94
N THR A 162 -8.37 -11.30 -11.67
CA THR A 162 -8.34 -9.90 -11.26
C THR A 162 -6.92 -9.35 -11.19
N GLY A 163 -5.95 -10.24 -11.07
CA GLY A 163 -4.57 -9.81 -10.96
C GLY A 163 -4.14 -9.79 -9.51
N ASN A 164 -5.11 -9.91 -8.61
CA ASN A 164 -4.83 -9.91 -7.18
C ASN A 164 -4.41 -11.32 -6.77
N SER A 165 -3.34 -11.43 -5.98
CA SER A 165 -2.86 -12.73 -5.53
C SER A 165 -2.07 -12.58 -4.23
N GLU A 166 -1.88 -13.71 -3.54
CA GLU A 166 -1.14 -13.71 -2.28
C GLU A 166 -0.51 -15.07 -2.03
N ILE A 167 0.77 -15.08 -1.68
CA ILE A 167 1.47 -16.32 -1.39
C ILE A 167 1.06 -16.74 0.02
N LYS A 168 0.65 -17.99 0.18
CA LYS A 168 0.20 -18.48 1.47
C LYS A 168 1.17 -19.44 2.14
N ALA A 169 1.93 -20.16 1.33
CA ALA A 169 2.89 -21.13 1.85
C ALA A 169 4.10 -21.26 0.94
N ILE A 170 5.25 -21.53 1.56
CA ILE A 170 6.51 -21.68 0.86
C ILE A 170 7.22 -22.90 1.44
N SER A 171 7.59 -23.84 0.60
CA SER A 171 8.29 -25.02 1.10
C SER A 171 9.38 -25.46 0.15
N PHE A 172 10.55 -25.75 0.70
CA PHE A 172 11.68 -26.20 -0.09
C PHE A 172 12.08 -27.61 0.31
N LYS A 173 12.21 -28.48 -0.68
CA LYS A 173 12.63 -29.85 -0.43
C LYS A 173 14.14 -29.83 -0.67
N LEU A 174 14.90 -29.63 0.40
CA LEU A 174 16.36 -29.54 0.31
C LEU A 174 17.08 -30.79 0.79
N ALA A 175 18.23 -31.06 0.16
CA ALA A 175 19.04 -32.20 0.54
C ALA A 175 19.68 -31.86 1.89
N LYS A 176 19.94 -30.58 2.09
CA LYS A 176 20.56 -30.09 3.33
C LYS A 176 19.54 -29.73 4.41
N GLY A 177 18.34 -30.29 4.30
CA GLY A 177 17.29 -30.02 5.28
C GLY A 177 16.10 -29.27 4.73
N ASP A 178 14.91 -29.83 4.87
CA ASP A 178 13.69 -29.20 4.37
C ASP A 178 13.28 -27.97 5.17
N VAL A 179 12.77 -26.96 4.46
CA VAL A 179 12.33 -25.73 5.09
C VAL A 179 10.94 -25.32 4.56
N SER A 180 10.09 -24.82 5.44
CA SER A 180 8.76 -24.40 5.03
C SER A 180 8.23 -23.27 5.90
N ALA A 181 7.50 -22.35 5.29
CA ALA A 181 6.93 -21.21 5.99
C ALA A 181 5.49 -21.01 5.56
N PHE A 182 4.66 -20.51 6.46
CA PHE A 182 3.24 -20.31 6.19
C PHE A 182 2.80 -18.93 6.65
N LEU A 183 1.94 -18.29 5.86
CA LEU A 183 1.42 -16.96 6.19
C LEU A 183 0.37 -17.11 7.27
N ALA A 184 0.59 -16.47 8.42
CA ALA A 184 -0.34 -16.53 9.54
C ALA A 184 -1.35 -15.40 9.53
N GLU A 185 -2.31 -15.49 10.44
CA GLU A 185 -3.39 -14.52 10.61
C GLU A 185 -2.86 -13.10 10.79
N ASP A 186 -1.68 -12.97 11.43
CA ASP A 186 -1.09 -11.67 11.68
C ASP A 186 -0.34 -11.08 10.48
N GLY A 187 -0.47 -11.72 9.32
CA GLY A 187 0.19 -11.20 8.14
C GLY A 187 1.69 -11.46 8.01
N ARG A 188 2.23 -12.32 8.86
CA ARG A 188 3.66 -12.65 8.81
C ARG A 188 3.82 -14.15 8.58
N PHE A 189 4.96 -14.54 8.02
CA PHE A 189 5.27 -15.95 7.77
C PHE A 189 5.97 -16.57 8.97
N TYR A 190 5.56 -17.79 9.33
CA TYR A 190 6.13 -18.53 10.45
C TYR A 190 6.61 -19.90 9.96
N ASP A 191 7.60 -20.48 10.64
CA ASP A 191 8.03 -21.82 10.25
C ASP A 191 7.12 -22.79 10.99
N ARG A 192 7.31 -24.09 10.80
CA ARG A 192 6.46 -25.08 11.44
C ARG A 192 6.48 -25.10 12.95
N ALA A 193 7.56 -24.60 13.55
CA ALA A 193 7.66 -24.57 15.00
C ALA A 193 6.99 -23.33 15.59
N GLY A 194 6.51 -22.45 14.72
CA GLY A 194 5.85 -21.26 15.21
C GLY A 194 6.78 -20.06 15.36
N ASN A 195 7.98 -20.14 14.80
CA ASN A 195 8.90 -19.01 14.88
C ASN A 195 8.62 -18.09 13.69
N SER A 196 8.43 -16.80 13.95
CA SER A 196 8.17 -15.86 12.86
C SER A 196 9.44 -15.62 12.06
N LEU A 197 9.31 -15.58 10.73
CA LEU A 197 10.46 -15.35 9.87
C LEU A 197 10.62 -13.85 9.59
N GLU A 198 9.65 -13.06 10.04
CA GLU A 198 9.67 -11.61 9.83
C GLU A 198 9.65 -10.83 11.14
N ARG A 199 10.43 -9.77 11.22
CA ARG A 199 10.48 -8.99 12.45
C ARG A 199 9.20 -8.25 12.76
N ALA A 200 8.96 -8.03 14.04
CA ALA A 200 7.78 -7.32 14.49
C ALA A 200 7.99 -5.82 14.25
N PHE A 201 6.96 -5.03 14.55
CA PHE A 201 7.01 -3.60 14.33
C PHE A 201 7.06 -2.84 15.64
N ASN A 202 7.50 -1.59 15.57
CA ASN A 202 7.50 -0.73 16.73
C ASN A 202 6.10 -0.11 16.67
N ARG A 203 5.53 0.22 17.82
CA ARG A 203 4.21 0.82 17.84
C ARG A 203 4.20 2.28 17.37
N TYR A 204 5.22 3.04 17.76
CA TYR A 204 5.34 4.46 17.44
C TYR A 204 6.39 4.87 16.41
N PRO A 205 6.06 5.85 15.55
CA PRO A 205 6.96 6.37 14.51
C PRO A 205 7.76 7.58 15.01
N VAL A 206 7.61 7.92 16.29
CA VAL A 206 8.33 9.06 16.87
C VAL A 206 8.81 8.74 18.29
N ASP A 207 9.71 9.58 18.80
CA ASP A 207 10.25 9.40 20.14
C ASP A 207 9.19 9.71 21.20
N LYS A 208 9.41 9.16 22.39
CA LYS A 208 8.48 9.33 23.51
C LYS A 208 7.99 10.76 23.71
N ALA A 209 8.88 11.72 23.53
CA ALA A 209 8.51 13.12 23.73
C ALA A 209 7.35 13.60 22.86
N TYR A 210 7.13 12.97 21.71
CA TYR A 210 6.08 13.43 20.80
C TYR A 210 4.98 12.39 20.50
N ARG A 211 4.81 11.43 21.41
CA ARG A 211 3.83 10.38 21.20
C ARG A 211 2.40 10.78 21.56
N GLN A 212 2.20 12.02 21.99
CA GLN A 212 0.85 12.48 22.32
C GLN A 212 0.00 12.43 21.05
N ILE A 213 -1.12 11.71 21.10
CA ILE A 213 -2.02 11.62 19.97
C ILE A 213 -3.06 12.74 20.04
N THR A 214 -3.06 13.61 19.04
CA THR A 214 -4.00 14.72 19.00
C THR A 214 -5.29 14.38 18.25
N SER A 215 -5.27 13.24 17.55
CA SER A 215 -6.42 12.77 16.79
C SER A 215 -6.15 11.35 16.32
N GLY A 216 -6.94 10.40 16.81
CA GLY A 216 -6.75 9.01 16.44
C GLY A 216 -7.50 8.54 15.22
N PHE A 217 -7.34 7.26 14.91
CA PHE A 217 -8.00 6.61 13.78
C PHE A 217 -9.51 6.62 13.98
N ASN A 218 -10.26 7.00 12.95
CA ASN A 218 -11.72 7.02 13.03
C ASN A 218 -12.34 7.09 11.63
N PRO A 219 -12.70 5.92 11.07
CA PRO A 219 -13.30 5.78 9.75
C PRO A 219 -14.72 6.32 9.62
N LYS A 220 -15.36 6.57 10.75
CA LYS A 220 -16.73 7.09 10.75
C LYS A 220 -16.81 8.58 11.06
N ARG A 221 -15.66 9.24 11.18
CA ARG A 221 -15.64 10.68 11.49
C ARG A 221 -16.54 11.46 10.53
N LYS A 222 -17.30 12.40 11.07
CA LYS A 222 -18.19 13.23 10.27
C LYS A 222 -17.63 14.63 10.15
N HIS A 223 -17.78 15.22 8.96
CA HIS A 223 -17.28 16.56 8.73
C HIS A 223 -18.13 17.55 9.51
N PRO A 224 -17.47 18.49 10.22
CA PRO A 224 -18.18 19.49 11.02
C PRO A 224 -19.10 20.40 10.21
N VAL A 225 -18.67 20.75 9.00
CA VAL A 225 -19.46 21.64 8.14
C VAL A 225 -20.63 20.98 7.40
N THR A 226 -20.37 19.85 6.75
CA THR A 226 -21.40 19.16 5.96
C THR A 226 -22.09 17.99 6.66
N GLY A 227 -21.47 17.46 7.71
CA GLY A 227 -22.06 16.33 8.41
C GLY A 227 -21.85 15.00 7.68
N ARG A 228 -21.16 15.05 6.55
CA ARG A 228 -20.89 13.83 5.78
C ARG A 228 -19.69 13.10 6.37
N VAL A 229 -19.63 11.78 6.20
CA VAL A 229 -18.51 11.01 6.73
C VAL A 229 -17.23 11.24 5.94
N VAL A 230 -16.19 11.68 6.65
CA VAL A 230 -14.88 11.92 6.06
C VAL A 230 -13.93 11.25 7.05
N PRO A 231 -13.57 9.99 6.79
CA PRO A 231 -12.69 9.21 7.66
C PRO A 231 -11.28 9.75 7.90
N HIS A 232 -10.83 9.58 9.13
CA HIS A 232 -9.48 9.97 9.49
C HIS A 232 -8.83 8.59 9.52
N ASN A 233 -8.10 8.27 8.46
CA ASN A 233 -7.46 6.97 8.32
C ASN A 233 -6.06 6.82 8.91
N GLY A 234 -5.74 7.65 9.90
CA GLY A 234 -4.42 7.56 10.50
C GLY A 234 -4.42 8.10 11.91
N THR A 235 -3.23 8.17 12.51
CA THR A 235 -3.10 8.69 13.87
C THR A 235 -2.22 9.94 13.83
N ASP A 236 -2.66 11.00 14.51
CA ASP A 236 -1.88 12.24 14.54
C ASP A 236 -1.07 12.38 15.82
N PHE A 237 0.24 12.57 15.68
CA PHE A 237 1.15 12.74 16.83
C PHE A 237 1.56 14.21 16.93
N ALA A 238 1.67 14.69 18.17
CA ALA A 238 2.02 16.09 18.42
C ALA A 238 3.50 16.36 18.25
N THR A 239 3.95 16.42 17.01
CA THR A 239 5.36 16.67 16.71
C THR A 239 5.64 18.10 16.28
N PRO A 240 6.76 18.66 16.73
CA PRO A 240 7.12 20.02 16.33
C PRO A 240 7.66 19.84 14.92
N ILE A 241 7.64 20.89 14.10
CA ILE A 241 8.20 20.77 12.77
C ILE A 241 9.68 20.47 13.00
N GLY A 242 10.21 19.48 12.29
CA GLY A 242 11.62 19.13 12.46
C GLY A 242 11.89 17.92 13.35
N ALA A 243 10.86 17.44 14.04
CA ALA A 243 11.04 16.27 14.90
C ALA A 243 11.33 15.05 14.04
N PRO A 244 12.23 14.18 14.50
CA PRO A 244 12.57 12.98 13.73
C PRO A 244 11.40 12.00 13.64
N VAL A 245 11.26 11.39 12.46
CA VAL A 245 10.21 10.42 12.19
C VAL A 245 10.93 9.13 11.84
N TYR A 246 10.51 8.02 12.42
CA TYR A 246 11.17 6.74 12.18
C TYR A 246 10.23 5.70 11.62
N SER A 247 10.78 4.76 10.83
CA SER A 247 9.97 3.69 10.28
C SER A 247 9.64 2.74 11.42
N THR A 248 8.41 2.27 11.45
CA THR A 248 7.99 1.35 12.51
C THR A 248 8.36 -0.09 12.16
N GLY A 249 9.04 -0.29 11.03
CA GLY A 249 9.43 -1.64 10.67
C GLY A 249 10.43 -1.73 9.52
N ASP A 250 11.04 -2.91 9.37
CA ASP A 250 11.98 -3.12 8.28
C ASP A 250 11.15 -3.03 7.01
N GLY A 251 11.77 -2.55 5.93
CA GLY A 251 11.02 -2.44 4.69
C GLY A 251 11.73 -1.68 3.61
N LYS A 252 10.98 -1.36 2.56
CA LYS A 252 11.53 -0.62 1.45
C LYS A 252 10.66 0.56 1.08
N VAL A 253 11.30 1.69 0.84
CA VAL A 253 10.61 2.90 0.47
C VAL A 253 10.04 2.68 -0.93
N ILE A 254 8.72 2.74 -1.06
CA ILE A 254 8.10 2.52 -2.35
C ILE A 254 7.49 3.80 -2.93
N VAL A 255 7.25 4.79 -2.07
CA VAL A 255 6.67 6.04 -2.53
C VAL A 255 7.28 7.25 -1.82
N VAL A 256 7.58 8.28 -2.60
CA VAL A 256 8.16 9.53 -2.09
C VAL A 256 7.54 10.64 -2.92
N ARG A 257 6.51 11.29 -2.38
CA ARG A 257 5.82 12.34 -3.11
C ARG A 257 5.58 13.65 -2.37
N LYS A 258 5.27 14.68 -3.16
CA LYS A 258 4.93 15.99 -2.63
C LYS A 258 3.48 16.18 -3.10
N HIS A 259 2.55 16.05 -2.17
CA HIS A 259 1.13 16.18 -2.48
C HIS A 259 0.60 17.54 -2.03
N PRO A 260 -0.25 18.18 -2.85
CA PRO A 260 -0.79 19.49 -2.52
C PRO A 260 -1.51 19.53 -1.17
N TYR A 261 -2.13 18.42 -0.80
CA TYR A 261 -2.87 18.36 0.46
C TYR A 261 -2.22 17.49 1.54
N ALA A 262 -1.62 16.37 1.13
CA ALA A 262 -0.96 15.49 2.10
C ALA A 262 0.45 16.01 2.34
N GLY A 263 0.84 17.03 1.59
CA GLY A 263 2.18 17.60 1.72
C GLY A 263 3.20 16.56 1.32
N ASN A 264 4.42 16.67 1.86
CA ASN A 264 5.46 15.69 1.57
C ASN A 264 5.09 14.40 2.30
N TYR A 265 5.07 13.27 1.60
CA TYR A 265 4.73 12.02 2.27
C TYR A 265 5.54 10.86 1.77
N LEU A 266 5.57 9.82 2.57
CA LEU A 266 6.36 8.64 2.26
C LEU A 266 5.54 7.39 2.56
N VAL A 267 5.83 6.32 1.83
CA VAL A 267 5.15 5.05 2.05
C VAL A 267 6.21 3.97 2.04
N ILE A 268 6.17 3.10 3.04
CA ILE A 268 7.13 2.02 3.15
C ILE A 268 6.37 0.70 3.09
N GLU A 269 6.92 -0.26 2.34
CA GLU A 269 6.30 -1.57 2.25
C GLU A 269 7.16 -2.47 3.13
N HIS A 270 6.54 -3.03 4.16
CA HIS A 270 7.22 -3.89 5.11
C HIS A 270 7.25 -5.35 4.66
N ASN A 271 6.14 -5.80 4.10
CA ASN A 271 6.04 -7.15 3.56
C ASN A 271 4.83 -7.23 2.65
N SER A 272 4.44 -8.43 2.24
CA SER A 272 3.30 -8.59 1.34
C SER A 272 1.97 -8.06 1.87
N VAL A 273 1.88 -7.84 3.18
CA VAL A 273 0.63 -7.39 3.79
C VAL A 273 0.64 -5.96 4.35
N TYR A 274 1.74 -5.57 4.99
CA TYR A 274 1.84 -4.26 5.64
C TYR A 274 2.60 -3.14 4.94
N LYS A 275 2.07 -1.93 5.08
CA LYS A 275 2.68 -0.72 4.56
C LYS A 275 2.38 0.35 5.62
N THR A 276 3.21 1.39 5.67
CA THR A 276 3.00 2.50 6.59
C THR A 276 3.18 3.77 5.77
N ARG A 277 2.39 4.79 6.11
CA ARG A 277 2.46 6.09 5.43
C ARG A 277 2.79 7.18 6.43
N TYR A 278 3.55 8.17 5.98
CA TYR A 278 3.96 9.30 6.83
C TYR A 278 3.67 10.58 6.04
N LEU A 279 2.74 11.40 6.53
CA LEU A 279 2.35 12.63 5.83
C LEU A 279 2.72 13.95 6.48
N HIS A 280 2.63 15.01 5.67
CA HIS A 280 2.91 16.38 6.09
C HIS A 280 4.35 16.62 6.52
N LEU A 281 5.25 15.75 6.09
CA LEU A 281 6.65 15.86 6.46
C LEU A 281 7.30 17.17 6.00
N ASP A 282 8.19 17.69 6.83
CA ASP A 282 8.90 18.92 6.48
C ASP A 282 10.03 18.55 5.52
N LYS A 283 10.60 17.37 5.75
CA LYS A 283 11.71 16.87 4.94
C LYS A 283 11.75 15.35 4.90
N ILE A 284 12.08 14.78 3.75
CA ILE A 284 12.18 13.32 3.59
C ILE A 284 13.66 12.98 3.44
N LEU A 285 14.15 12.06 4.28
CA LEU A 285 15.57 11.69 4.26
C LEU A 285 15.93 10.39 3.55
N VAL A 286 14.97 9.80 2.85
CA VAL A 286 15.22 8.55 2.14
C VAL A 286 14.69 8.68 0.72
N LYS A 287 15.02 7.71 -0.13
CA LYS A 287 14.56 7.73 -1.52
C LYS A 287 13.92 6.41 -1.92
N LYS A 288 13.18 6.43 -3.03
CA LYS A 288 12.54 5.22 -3.53
C LYS A 288 13.55 4.10 -3.64
N GLY A 289 13.10 2.87 -3.39
CA GLY A 289 13.97 1.72 -3.50
C GLY A 289 14.90 1.51 -2.33
N GLN A 290 15.10 2.54 -1.51
CA GLN A 290 15.98 2.39 -0.37
C GLN A 290 15.34 1.49 0.69
N LEU A 291 16.14 0.56 1.21
CA LEU A 291 15.66 -0.34 2.25
C LEU A 291 15.95 0.30 3.60
N VAL A 292 15.00 0.19 4.51
CA VAL A 292 15.16 0.77 5.83
C VAL A 292 14.98 -0.26 6.92
N LYS A 293 15.49 0.05 8.11
CA LYS A 293 15.39 -0.86 9.24
C LYS A 293 14.36 -0.31 10.21
N ARG A 294 13.90 -1.17 11.11
CA ARG A 294 12.93 -0.77 12.12
C ARG A 294 13.57 0.28 13.03
N GLY A 295 12.93 1.44 13.16
CA GLY A 295 13.46 2.48 14.02
C GLY A 295 14.39 3.47 13.33
N GLN A 296 14.69 3.21 12.06
CA GLN A 296 15.57 4.09 11.31
C GLN A 296 14.90 5.43 11.01
N LYS A 297 15.68 6.51 11.09
CA LYS A 297 15.14 7.84 10.82
C LYS A 297 14.91 7.92 9.31
N ILE A 298 13.71 8.36 8.92
CA ILE A 298 13.38 8.44 7.51
C ILE A 298 12.93 9.84 7.09
N ALA A 299 12.58 10.67 8.05
CA ALA A 299 12.15 12.02 7.73
C ALA A 299 12.05 12.90 8.97
N LEU A 300 11.67 14.15 8.74
CA LEU A 300 11.49 15.11 9.81
C LEU A 300 10.04 15.57 9.69
N ALA A 301 9.32 15.49 10.79
CA ALA A 301 7.92 15.90 10.80
C ALA A 301 7.77 17.33 10.33
N GLY A 302 6.60 17.69 9.82
CA GLY A 302 6.43 19.04 9.33
C GLY A 302 5.00 19.50 9.39
N ALA A 303 4.67 20.44 8.51
CA ALA A 303 3.35 21.01 8.40
C ALA A 303 3.07 21.30 6.93
N THR A 304 3.59 20.46 6.04
CA THR A 304 3.35 20.66 4.60
C THR A 304 1.98 20.11 4.21
N GLY A 305 1.44 20.62 3.11
CA GLY A 305 0.13 20.17 2.66
C GLY A 305 -0.93 21.02 3.32
N ARG A 306 -2.11 20.44 3.50
CA ARG A 306 -3.24 21.14 4.11
C ARG A 306 -3.52 20.63 5.53
N LEU A 307 -3.45 21.53 6.50
CA LEU A 307 -3.70 21.18 7.89
C LEU A 307 -3.94 22.40 8.78
N THR A 308 -4.53 22.16 9.95
CA THR A 308 -4.84 23.23 10.90
C THR A 308 -3.70 23.47 11.87
N GLY A 309 -2.65 22.66 11.75
CA GLY A 309 -1.50 22.79 12.61
C GLY A 309 -0.47 21.71 12.34
N PRO A 310 0.81 21.94 12.65
CA PRO A 310 1.86 20.94 12.42
C PRO A 310 1.60 19.66 13.19
N HIS A 311 1.91 18.52 12.56
CA HIS A 311 1.73 17.23 13.19
C HIS A 311 2.08 16.14 12.18
N LEU A 312 2.34 14.96 12.70
CA LEU A 312 2.64 13.83 11.85
C LEU A 312 1.34 13.02 11.76
N HIS A 313 0.95 12.68 10.53
CA HIS A 313 -0.23 11.87 10.30
C HIS A 313 0.39 10.52 9.92
N PHE A 314 0.20 9.51 10.77
CA PHE A 314 0.77 8.18 10.54
C PHE A 314 -0.31 7.16 10.18
N GLU A 315 -0.01 6.30 9.21
CA GLU A 315 -0.97 5.28 8.79
C GLU A 315 -0.36 3.91 8.67
N VAL A 316 -1.15 2.89 9.00
CA VAL A 316 -0.73 1.51 8.85
C VAL A 316 -1.77 0.91 7.91
N LEU A 317 -1.30 0.27 6.84
CA LEU A 317 -2.22 -0.35 5.89
C LEU A 317 -2.04 -1.86 5.90
N VAL A 318 -3.17 -2.58 5.99
CA VAL A 318 -3.16 -4.04 5.97
C VAL A 318 -3.82 -4.38 4.63
N ARG A 319 -3.05 -4.97 3.72
CA ARG A 319 -3.54 -5.32 2.40
C ARG A 319 -4.15 -4.09 1.75
N ASN A 320 -3.47 -2.96 1.94
CA ASN A 320 -3.87 -1.67 1.39
C ASN A 320 -5.10 -1.03 2.03
N ARG A 321 -5.57 -1.59 3.13
CA ARG A 321 -6.72 -1.04 3.86
C ARG A 321 -6.20 -0.40 5.15
N PRO A 322 -6.53 0.88 5.37
CA PRO A 322 -6.04 1.49 6.61
C PRO A 322 -6.67 0.87 7.87
N VAL A 323 -5.87 0.74 8.93
CA VAL A 323 -6.34 0.19 10.19
C VAL A 323 -5.77 1.09 11.29
N ASP A 324 -6.39 1.04 12.48
CA ASP A 324 -5.94 1.84 13.61
C ASP A 324 -4.52 1.41 13.98
N ALA A 325 -3.56 2.32 13.82
CA ALA A 325 -2.16 2.03 14.12
C ALA A 325 -1.95 1.69 15.59
N MET A 326 -2.85 2.15 16.45
CA MET A 326 -2.72 1.90 17.88
C MET A 326 -3.47 0.65 18.37
N LYS A 327 -4.04 -0.14 17.45
CA LYS A 327 -4.81 -1.31 17.85
C LYS A 327 -3.99 -2.47 18.45
N ALA A 328 -4.63 -3.18 19.38
CA ALA A 328 -4.02 -4.30 20.09
C ALA A 328 -3.33 -5.36 19.24
N ASP A 329 -4.12 -6.14 18.49
CA ASP A 329 -3.56 -7.20 17.66
C ASP A 329 -2.89 -6.70 16.39
N LEU A 330 -1.57 -6.83 16.36
CA LEU A 330 -0.76 -6.44 15.23
C LEU A 330 0.69 -6.72 15.62
N PRO A 331 1.44 -7.39 14.74
CA PRO A 331 2.85 -7.68 15.05
C PRO A 331 3.68 -6.42 14.96
#